data_5MYG
#
_entry.id   5MYG
#
_cell.length_a   37.140
_cell.length_b   123.716
_cell.length_c   137.073
_cell.angle_alpha   90.00
_cell.angle_beta   90.00
_cell.angle_gamma   90.00
#
_symmetry.space_group_name_H-M   'P 2 21 21'
#
loop_
_entity.id
_entity.type
_entity.pdbx_description
1 polymer Peregrin
2 non-polymer 4-cyano-~{N}-(1,3-dimethyl-2-oxidanylidene-quinolin-6-yl)-2-methoxy-benzenesulfonamide
3 water water
#
_entity_poly.entity_id   1
_entity_poly.type   'polypeptide(L)'
_entity_poly.pdbx_seq_one_letter_code
;SMEMQLTPFLILLRKTLEQLQEKDTGNIFSEPVPLSEVPDYLDHIKKPMDFFTMKQNLEAYRYLNFDDFEEDFNLIVSNC
LKYNAKDTIFYRAAVRLREQGGAVLRQARRQAEKMG
;
_entity_poly.pdbx_strand_id   A,B,C,D
#
# COMPACT_ATOMS: atom_id res chain seq x y z
N MET A 2 -30.06 -16.52 4.05
CA MET A 2 -30.09 -15.85 5.34
C MET A 2 -30.43 -14.36 5.28
N GLU A 3 -31.08 -13.92 6.35
CA GLU A 3 -31.79 -12.67 6.52
C GLU A 3 -30.98 -11.39 6.81
N MET A 4 -29.75 -11.49 7.32
CA MET A 4 -29.01 -10.30 7.80
C MET A 4 -29.04 -9.16 6.77
N GLN A 5 -28.99 -7.91 7.24
CA GLN A 5 -29.03 -6.76 6.33
C GLN A 5 -27.74 -6.64 5.53
N LEU A 6 -27.83 -6.81 4.21
CA LEU A 6 -26.63 -6.77 3.37
C LEU A 6 -25.81 -5.49 3.52
N THR A 7 -26.46 -4.34 3.42
CA THR A 7 -25.75 -3.06 3.31
C THR A 7 -24.74 -2.79 4.48
N PRO A 8 -25.12 -3.03 5.76
CA PRO A 8 -24.14 -2.90 6.86
C PRO A 8 -22.98 -3.91 6.76
N PHE A 9 -23.28 -5.13 6.32
CA PHE A 9 -22.26 -6.17 6.13
C PHE A 9 -21.21 -5.73 5.12
N LEU A 10 -21.66 -5.16 4.00
CA LEU A 10 -20.75 -4.70 2.95
C LEU A 10 -19.84 -3.53 3.38
N ILE A 11 -20.39 -2.56 4.12
CA ILE A 11 -19.49 -1.45 4.57
C ILE A 11 -18.53 -2.00 5.62
N LEU A 12 -18.98 -3.02 6.38
CA LEU A 12 -18.05 -3.75 7.25
C LEU A 12 -16.92 -4.35 6.41
N LEU A 13 -17.27 -5.00 5.31
CA LEU A 13 -16.25 -5.59 4.46
C LEU A 13 -15.34 -4.54 3.84
N ARG A 14 -15.89 -3.39 3.50
CA ARG A 14 -15.11 -2.29 2.91
C ARG A 14 -14.05 -1.79 3.89
N LYS A 15 -14.51 -1.51 5.12
CA LYS A 15 -13.65 -1.04 6.21
C LYS A 15 -12.55 -2.03 6.54
N THR A 16 -12.95 -3.29 6.65
CA THR A 16 -12.03 -4.40 6.86
C THR A 16 -10.96 -4.50 5.76
N LEU A 17 -11.40 -4.35 4.52
CA LEU A 17 -10.49 -4.49 3.41
C LEU A 17 -9.33 -3.47 3.43
N GLU A 18 -9.61 -2.20 3.70
CA GLU A 18 -8.48 -1.26 3.72
C GLU A 18 -7.74 -1.29 5.03
N GLN A 19 -8.31 -1.95 6.06
CA GLN A 19 -7.53 -2.28 7.26
C GLN A 19 -6.52 -3.33 6.89
N LEU A 20 -6.91 -4.30 6.05
CA LEU A 20 -5.95 -5.28 5.56
C LEU A 20 -4.88 -4.57 4.75
N GLN A 21 -5.31 -3.62 3.93
CA GLN A 21 -4.39 -2.96 3.01
C GLN A 21 -3.36 -2.02 3.67
N GLU A 22 -3.70 -1.50 4.85
CA GLU A 22 -2.78 -0.59 5.56
C GLU A 22 -1.71 -1.43 6.27
N LYS A 23 -1.99 -2.72 6.43
CA LYS A 23 -0.99 -3.66 6.91
C LYS A 23 0.06 -3.99 5.82
N ASP A 24 -0.34 -3.91 4.54
CA ASP A 24 0.55 -4.10 3.38
C ASP A 24 1.25 -2.78 3.02
N THR A 25 2.21 -2.36 3.84
CA THR A 25 2.83 -1.03 3.76
C THR A 25 3.75 -0.90 2.56
N GLY A 26 4.26 -2.03 2.07
CA GLY A 26 5.07 -2.06 0.87
C GLY A 26 4.28 -2.00 -0.43
N ASN A 27 2.94 -2.03 -0.34
CA ASN A 27 2.07 -2.14 -1.51
C ASN A 27 2.42 -3.29 -2.44
N ILE A 28 2.75 -4.44 -1.85
CA ILE A 28 3.13 -5.61 -2.61
C ILE A 28 1.89 -6.34 -3.15
N PHE A 29 0.78 -6.26 -2.41
CA PHE A 29 -0.40 -7.03 -2.74
C PHE A 29 -1.57 -6.15 -3.22
N SER A 30 -1.28 -4.88 -3.49
CA SER A 30 -2.30 -3.93 -3.91
C SER A 30 -2.98 -4.36 -5.21
N GLU A 31 -2.20 -4.92 -6.14
CA GLU A 31 -2.71 -5.20 -7.48
C GLU A 31 -2.33 -6.61 -7.93
N PRO A 32 -3.01 -7.14 -8.97
CA PRO A 32 -2.69 -8.51 -9.40
C PRO A 32 -1.21 -8.68 -9.66
N VAL A 33 -0.69 -9.87 -9.40
CA VAL A 33 0.69 -10.17 -9.68
C VAL A 33 0.88 -9.96 -11.18
N PRO A 34 1.70 -8.95 -11.53
CA PRO A 34 1.89 -8.49 -12.91
C PRO A 34 2.49 -9.53 -13.83
N LEU A 35 1.66 -10.11 -14.69
CA LEU A 35 2.05 -11.16 -15.63
C LEU A 35 3.16 -10.60 -16.53
N SER A 36 3.22 -9.27 -16.57
CA SER A 36 4.24 -8.52 -17.28
C SER A 36 5.65 -8.79 -16.75
N GLU A 37 5.83 -8.78 -15.43
CA GLU A 37 7.15 -8.98 -14.85
C GLU A 37 7.44 -10.44 -14.49
N VAL A 38 6.39 -11.24 -14.38
CA VAL A 38 6.53 -12.63 -14.00
C VAL A 38 5.65 -13.54 -14.85
N PRO A 39 6.09 -13.84 -16.08
CA PRO A 39 5.30 -14.57 -17.07
C PRO A 39 4.85 -15.95 -16.56
N ASP A 40 5.66 -16.54 -15.69
CA ASP A 40 5.40 -17.88 -15.20
C ASP A 40 4.44 -17.96 -14.00
N TYR A 41 4.04 -16.81 -13.47
CA TYR A 41 3.24 -16.79 -12.22
C TYR A 41 2.00 -17.65 -12.26
N LEU A 42 1.37 -17.70 -13.43
CA LEU A 42 0.12 -18.41 -13.61
C LEU A 42 0.32 -19.92 -13.74
N ASP A 43 1.58 -20.37 -13.86
CA ASP A 43 1.84 -21.80 -14.03
C ASP A 43 1.33 -22.72 -12.92
N HIS A 44 1.57 -22.34 -11.68
CA HIS A 44 1.20 -23.17 -10.53
C HIS A 44 0.11 -22.55 -9.66
N ILE A 45 -0.27 -21.32 -9.95
CA ILE A 45 -1.23 -20.61 -9.13
C ILE A 45 -2.62 -20.61 -9.80
N LYS A 46 -3.50 -21.42 -9.24
CA LYS A 46 -4.82 -21.65 -9.80
C LYS A 46 -5.67 -20.40 -9.78
N LYS A 47 -5.73 -19.74 -8.63
CA LYS A 47 -6.59 -18.58 -8.47
C LYS A 47 -5.86 -17.37 -7.87
N PRO A 48 -5.34 -16.49 -8.73
CA PRO A 48 -4.70 -15.25 -8.29
C PRO A 48 -5.65 -14.40 -7.44
N MET A 49 -5.09 -13.58 -6.56
CA MET A 49 -5.90 -12.70 -5.74
C MET A 49 -5.05 -11.55 -5.23
N ASP A 50 -5.70 -10.43 -5.01
CA ASP A 50 -5.02 -9.21 -4.59
C ASP A 50 -6.09 -8.30 -4.07
N PHE A 51 -5.69 -7.22 -3.40
CA PHE A 51 -6.66 -6.35 -2.76
C PHE A 51 -7.60 -5.63 -3.74
N PHE A 52 -7.12 -5.26 -4.93
CA PHE A 52 -7.99 -4.58 -5.90
C PHE A 52 -9.06 -5.51 -6.44
N THR A 53 -8.67 -6.74 -6.75
CA THR A 53 -9.61 -7.74 -7.19
C THR A 53 -10.63 -8.00 -6.07
N MET A 54 -10.18 -8.02 -4.81
CA MET A 54 -11.12 -8.13 -3.67
C MET A 54 -12.11 -6.95 -3.64
N LYS A 55 -11.62 -5.73 -3.85
CA LYS A 55 -12.47 -4.53 -3.94
C LYS A 55 -13.55 -4.68 -5.04
N GLN A 56 -13.10 -5.21 -6.19
CA GLN A 56 -13.97 -5.43 -7.35
C GLN A 56 -15.04 -6.47 -7.04
N ASN A 57 -14.61 -7.58 -6.45
CA ASN A 57 -15.50 -8.65 -6.05
C ASN A 57 -16.57 -8.20 -5.03
N LEU A 58 -16.14 -7.36 -4.08
CA LEU A 58 -17.02 -6.84 -3.05
C LEU A 58 -18.10 -5.99 -3.70
N GLU A 59 -17.71 -5.05 -4.55
CA GLU A 59 -18.66 -4.13 -5.16
C GLU A 59 -19.55 -4.87 -6.17
N ALA A 60 -19.10 -6.03 -6.63
CA ALA A 60 -19.87 -6.86 -7.55
C ALA A 60 -20.70 -7.87 -6.80
N TYR A 61 -20.83 -7.67 -5.49
CA TYR A 61 -21.64 -8.55 -4.65
C TYR A 61 -21.18 -10.01 -4.73
N ARG A 62 -19.87 -10.28 -4.83
CA ARG A 62 -19.40 -11.67 -4.87
C ARG A 62 -19.20 -12.19 -3.44
N TYR A 63 -19.17 -11.28 -2.46
CA TYR A 63 -19.07 -11.72 -1.06
C TYR A 63 -20.40 -11.58 -0.32
N LEU A 64 -21.09 -12.71 -0.14
CA LEU A 64 -22.41 -12.74 0.51
C LEU A 64 -22.37 -13.29 1.95
N ASN A 65 -21.17 -13.69 2.36
CA ASN A 65 -20.91 -14.17 3.70
C ASN A 65 -19.46 -13.81 4.02
N PHE A 66 -19.06 -13.94 5.27
CA PHE A 66 -17.73 -13.50 5.65
C PHE A 66 -16.66 -14.52 5.23
N ASP A 67 -17.05 -15.78 5.22
CA ASP A 67 -16.09 -16.85 5.01
C ASP A 67 -15.45 -16.76 3.61
N ASP A 68 -16.23 -16.35 2.61
CA ASP A 68 -15.71 -16.18 1.25
C ASP A 68 -14.75 -15.01 1.15
N PHE A 69 -15.06 -13.95 1.91
CA PHE A 69 -14.17 -12.79 2.03
C PHE A 69 -12.84 -13.25 2.65
N GLU A 70 -12.94 -13.99 3.74
CA GLU A 70 -11.74 -14.49 4.42
C GLU A 70 -10.95 -15.44 3.55
N GLU A 71 -11.66 -16.31 2.83
CA GLU A 71 -11.01 -17.22 1.89
C GLU A 71 -10.22 -16.48 0.81
N ASP A 72 -10.78 -15.40 0.29
CA ASP A 72 -10.04 -14.66 -0.72
C ASP A 72 -8.83 -13.93 -0.12
N PHE A 73 -8.95 -13.42 1.10
CA PHE A 73 -7.76 -12.88 1.74
C PHE A 73 -6.66 -13.94 1.87
N ASN A 74 -7.02 -15.11 2.38
CA ASN A 74 -6.06 -16.19 2.57
C ASN A 74 -5.35 -16.63 1.30
N LEU A 75 -6.06 -16.52 0.17
CA LEU A 75 -5.52 -16.90 -1.13
C LEU A 75 -4.34 -16.00 -1.44
N ILE A 76 -4.50 -14.72 -1.11
CA ILE A 76 -3.45 -13.73 -1.33
C ILE A 76 -2.18 -14.18 -0.61
N VAL A 77 -2.33 -14.63 0.63
CA VAL A 77 -1.19 -15.05 1.44
C VAL A 77 -0.64 -16.38 0.96
N SER A 78 -1.53 -17.36 0.81
CA SER A 78 -1.12 -18.70 0.42
C SER A 78 -0.55 -18.73 -1.02
N ASN A 79 -1.07 -17.90 -1.93
CA ASN A 79 -0.51 -17.86 -3.28
C ASN A 79 0.93 -17.39 -3.24
N CYS A 80 1.16 -16.33 -2.47
CA CYS A 80 2.48 -15.72 -2.38
C CYS A 80 3.52 -16.62 -1.70
N LEU A 81 3.12 -17.34 -0.65
CA LEU A 81 4.04 -18.27 -0.01
C LEU A 81 4.40 -19.42 -0.96
N LYS A 82 3.42 -19.85 -1.75
CA LYS A 82 3.59 -20.98 -2.67
C LYS A 82 4.51 -20.65 -3.85
N TYR A 83 4.43 -19.42 -4.36
CA TYR A 83 5.20 -19.05 -5.55
C TYR A 83 6.64 -18.64 -5.24
N ASN A 84 6.81 -17.75 -4.28
CA ASN A 84 8.12 -17.22 -4.03
C ASN A 84 8.94 -18.10 -3.11
N ALA A 85 10.25 -18.12 -3.37
CA ALA A 85 11.17 -18.82 -2.53
C ALA A 85 11.26 -18.10 -1.16
N LYS A 86 11.63 -18.84 -0.13
CA LYS A 86 11.61 -18.33 1.24
C LYS A 86 12.45 -17.04 1.43
N ASP A 87 13.48 -16.82 0.61
CA ASP A 87 14.40 -15.71 0.82
C ASP A 87 14.06 -14.56 -0.13
N THR A 88 12.77 -14.34 -0.33
CA THR A 88 12.31 -13.23 -1.15
C THR A 88 11.62 -12.14 -0.36
N ILE A 89 11.68 -10.90 -0.86
CA ILE A 89 10.89 -9.81 -0.29
C ILE A 89 9.41 -10.18 -0.22
N PHE A 90 8.92 -10.85 -1.27
CA PHE A 90 7.51 -11.17 -1.35
C PHE A 90 7.08 -12.18 -0.28
N TYR A 91 7.83 -13.27 -0.18
CA TYR A 91 7.53 -14.32 0.79
C TYR A 91 7.48 -13.83 2.24
N ARG A 92 8.50 -13.07 2.64
CA ARG A 92 8.63 -12.55 3.99
C ARG A 92 7.55 -11.55 4.35
N ALA A 93 7.17 -10.73 3.36
CA ALA A 93 6.09 -9.74 3.55
C ALA A 93 4.74 -10.46 3.66
N ALA A 94 4.66 -11.63 3.05
CA ALA A 94 3.48 -12.46 3.11
C ALA A 94 3.36 -13.15 4.48
N VAL A 95 4.48 -13.64 4.99
CA VAL A 95 4.53 -14.24 6.32
C VAL A 95 3.98 -13.23 7.30
N ARG A 96 4.43 -11.99 7.16
CA ARG A 96 4.06 -10.93 8.08
C ARG A 96 2.63 -10.48 7.85
N LEU A 97 2.13 -10.63 6.62
CA LEU A 97 0.74 -10.27 6.33
C LEU A 97 -0.22 -11.27 6.95
N ARG A 98 0.13 -12.54 6.87
CA ARG A 98 -0.66 -13.60 7.49
C ARG A 98 -0.87 -13.35 8.99
N GLU A 99 0.17 -12.91 9.69
CA GLU A 99 0.01 -12.69 11.12
C GLU A 99 -0.83 -11.45 11.39
N GLN A 100 -0.50 -10.36 10.69
CA GLN A 100 -1.18 -9.09 10.91
C GLN A 100 -2.57 -9.07 10.33
N GLY A 101 -2.76 -9.70 9.17
CA GLY A 101 -4.09 -9.81 8.58
C GLY A 101 -4.98 -10.64 9.46
N GLY A 102 -4.39 -11.62 10.13
CA GLY A 102 -5.12 -12.53 10.99
C GLY A 102 -5.86 -11.76 12.06
N ALA A 103 -5.14 -10.86 12.71
CA ALA A 103 -5.70 -10.01 13.76
C ALA A 103 -6.86 -9.12 13.24
N VAL A 104 -6.66 -8.49 12.08
CA VAL A 104 -7.71 -7.65 11.49
C VAL A 104 -9.02 -8.43 11.24
N LEU A 105 -8.88 -9.62 10.67
CA LEU A 105 -10.02 -10.47 10.36
C LEU A 105 -10.75 -11.04 11.56
N ARG A 106 -10.00 -11.24 12.63
CA ARG A 106 -10.53 -11.80 13.85
C ARG A 106 -11.52 -10.82 14.43
N GLN A 107 -11.12 -9.55 14.46
CA GLN A 107 -12.02 -8.53 14.93
C GLN A 107 -13.21 -8.31 13.97
N ALA A 108 -12.98 -8.33 12.67
CA ALA A 108 -14.10 -8.09 11.75
C ALA A 108 -15.12 -9.25 11.79
N ARG A 109 -14.62 -10.48 11.89
CA ARG A 109 -15.51 -11.64 12.04
C ARG A 109 -16.45 -11.50 13.27
N ARG A 110 -15.93 -11.01 14.40
CA ARG A 110 -16.80 -10.80 15.58
C ARG A 110 -17.93 -9.82 15.30
N GLN A 111 -17.64 -8.80 14.51
CA GLN A 111 -18.65 -7.81 14.24
C GLN A 111 -19.68 -8.36 13.24
N ALA A 112 -19.23 -9.15 12.28
CA ALA A 112 -20.14 -9.73 11.30
C ALA A 112 -21.07 -10.73 12.00
N GLU A 113 -20.53 -11.48 12.95
CA GLU A 113 -21.34 -12.46 13.67
C GLU A 113 -22.49 -11.88 14.50
N LYS A 114 -22.45 -10.60 14.80
CA LYS A 114 -23.52 -9.96 15.58
C LYS A 114 -24.70 -9.51 14.69
N MET A 115 -24.57 -9.66 13.37
CA MET A 115 -25.56 -9.11 12.45
C MET A 115 -26.77 -9.98 12.19
N GLY A 116 -26.56 -11.27 11.93
CA GLY A 116 -27.67 -12.13 11.56
C GLY A 116 -28.28 -12.85 12.74
N MET B 2 -1.78 32.18 -38.67
CA MET B 2 -1.76 31.07 -39.63
C MET B 2 -2.94 31.02 -40.63
N GLU B 3 -2.59 30.64 -41.85
CA GLU B 3 -3.43 30.66 -43.05
C GLU B 3 -4.34 29.44 -43.16
N MET B 4 -3.91 28.34 -42.53
CA MET B 4 -4.53 27.02 -42.66
C MET B 4 -6.06 27.02 -42.42
N GLN B 5 -6.80 26.13 -43.09
CA GLN B 5 -8.24 26.04 -42.87
C GLN B 5 -8.58 25.31 -41.58
N LEU B 6 -9.43 25.91 -40.76
CA LEU B 6 -9.79 25.31 -39.47
C LEU B 6 -10.43 23.93 -39.54
N THR B 7 -11.42 23.83 -40.42
CA THR B 7 -12.31 22.68 -40.45
C THR B 7 -11.56 21.37 -40.78
N PRO B 8 -10.70 21.37 -41.83
CA PRO B 8 -9.94 20.12 -42.03
C PRO B 8 -9.01 19.79 -40.85
N PHE B 9 -8.41 20.81 -40.24
CA PHE B 9 -7.52 20.63 -39.10
C PHE B 9 -8.19 20.03 -37.87
N LEU B 10 -9.37 20.52 -37.51
CA LEU B 10 -10.14 19.99 -36.39
C LEU B 10 -10.56 18.55 -36.60
N ILE B 11 -10.89 18.21 -37.85
CA ILE B 11 -11.34 16.87 -38.17
C ILE B 11 -10.16 15.90 -38.01
N LEU B 12 -8.97 16.37 -38.37
CA LEU B 12 -7.74 15.63 -38.11
C LEU B 12 -7.57 15.39 -36.60
N LEU B 13 -7.77 16.42 -35.78
CA LEU B 13 -7.61 16.29 -34.33
C LEU B 13 -8.63 15.33 -33.71
N ARG B 14 -9.85 15.31 -34.22
CA ARG B 14 -10.88 14.40 -33.75
C ARG B 14 -10.46 12.96 -34.04
N LYS B 15 -10.01 12.75 -35.27
CA LYS B 15 -9.56 11.43 -35.71
C LYS B 15 -8.41 10.93 -34.84
N THR B 16 -7.42 11.80 -34.69
CA THR B 16 -6.24 11.54 -33.86
C THR B 16 -6.59 11.24 -32.40
N LEU B 17 -7.50 12.03 -31.84
CA LEU B 17 -7.94 11.82 -30.48
C LEU B 17 -8.53 10.43 -30.29
N GLU B 18 -9.36 9.97 -31.23
CA GLU B 18 -9.92 8.65 -31.07
C GLU B 18 -8.94 7.53 -31.43
N GLN B 19 -7.86 7.87 -32.13
CA GLN B 19 -6.75 6.92 -32.33
C GLN B 19 -5.96 6.74 -31.05
N LEU B 20 -5.72 7.85 -30.35
CA LEU B 20 -5.04 7.78 -29.05
C LEU B 20 -5.88 7.04 -28.01
N GLN B 21 -7.19 7.33 -27.97
CA GLN B 21 -8.10 6.78 -26.98
C GLN B 21 -8.28 5.29 -27.17
N GLU B 22 -8.07 4.86 -28.40
CA GLU B 22 -8.20 3.47 -28.78
C GLU B 22 -6.96 2.70 -28.33
N LYS B 23 -5.86 3.42 -28.11
CA LYS B 23 -4.66 2.81 -27.57
C LYS B 23 -4.77 2.55 -26.08
N ASP B 24 -5.60 3.34 -25.41
CA ASP B 24 -5.86 3.20 -23.99
C ASP B 24 -6.99 2.19 -23.76
N THR B 25 -6.63 0.92 -23.82
CA THR B 25 -7.62 -0.14 -23.76
C THR B 25 -8.18 -0.38 -22.35
N GLY B 26 -7.41 -0.05 -21.33
CA GLY B 26 -7.91 -0.17 -19.98
C GLY B 26 -8.87 0.93 -19.58
N ASN B 27 -9.03 1.93 -20.45
CA ASN B 27 -9.78 3.15 -20.13
C ASN B 27 -9.33 3.78 -18.81
N ILE B 28 -8.01 3.82 -18.68
CA ILE B 28 -7.32 4.38 -17.54
C ILE B 28 -7.36 5.91 -17.61
N PHE B 29 -7.39 6.43 -18.82
CA PHE B 29 -7.28 7.88 -19.03
C PHE B 29 -8.53 8.53 -19.60
N SER B 30 -9.64 7.80 -19.64
CA SER B 30 -10.88 8.29 -20.25
C SER B 30 -11.43 9.55 -19.59
N GLU B 31 -11.27 9.67 -18.27
CA GLU B 31 -11.92 10.77 -17.55
C GLU B 31 -10.98 11.39 -16.51
N PRO B 32 -11.27 12.62 -16.02
CA PRO B 32 -10.32 13.22 -15.08
C PRO B 32 -10.07 12.32 -13.89
N VAL B 33 -8.84 12.32 -13.40
CA VAL B 33 -8.50 11.58 -12.21
C VAL B 33 -9.42 12.05 -11.08
N PRO B 34 -10.26 11.14 -10.55
CA PRO B 34 -11.27 11.42 -9.51
C PRO B 34 -10.64 11.92 -8.22
N LEU B 35 -10.73 13.23 -7.94
CA LEU B 35 -9.98 13.83 -6.83
C LEU B 35 -10.30 13.25 -5.44
N SER B 36 -11.48 12.64 -5.30
CA SER B 36 -11.85 12.06 -4.02
C SER B 36 -10.89 10.93 -3.57
N GLU B 37 -10.42 10.14 -4.52
CA GLU B 37 -9.65 8.95 -4.22
C GLU B 37 -8.19 9.32 -4.09
N VAL B 38 -7.87 10.52 -4.58
CA VAL B 38 -6.51 11.01 -4.61
C VAL B 38 -6.47 12.49 -4.15
N PRO B 39 -6.55 12.72 -2.83
CA PRO B 39 -6.69 14.07 -2.26
C PRO B 39 -5.50 15.02 -2.54
N ASP B 40 -4.29 14.50 -2.53
CA ASP B 40 -3.09 15.34 -2.65
C ASP B 40 -2.69 15.67 -4.11
N TYR B 41 -3.44 15.14 -5.07
CA TYR B 41 -3.02 15.11 -6.49
C TYR B 41 -2.58 16.47 -7.02
N LEU B 42 -3.28 17.54 -6.62
CA LEU B 42 -2.98 18.85 -7.18
C LEU B 42 -1.72 19.48 -6.55
N ASP B 43 -1.26 18.95 -5.42
CA ASP B 43 0.02 19.37 -4.83
C ASP B 43 1.20 19.04 -5.71
N HIS B 44 1.09 17.95 -6.45
CA HIS B 44 2.19 17.44 -7.26
C HIS B 44 1.98 17.65 -8.75
N ILE B 45 0.72 17.76 -9.18
CA ILE B 45 0.35 17.88 -10.61
C ILE B 45 -0.27 19.23 -10.96
N LYS B 46 0.45 20.10 -11.67
CA LYS B 46 -0.06 21.44 -11.95
C LYS B 46 -1.32 21.42 -12.81
N LYS B 47 -1.27 20.72 -13.93
CA LYS B 47 -2.37 20.67 -14.89
C LYS B 47 -2.76 19.23 -15.23
N PRO B 48 -3.80 18.71 -14.56
CA PRO B 48 -4.37 17.39 -14.85
C PRO B 48 -4.93 17.35 -16.26
N MET B 49 -4.97 16.17 -16.88
CA MET B 49 -5.47 16.03 -18.25
C MET B 49 -5.95 14.60 -18.48
N ASP B 50 -6.87 14.44 -19.42
CA ASP B 50 -7.47 13.16 -19.72
C ASP B 50 -8.15 13.32 -21.07
N PHE B 51 -8.58 12.23 -21.67
CA PHE B 51 -9.14 12.28 -23.02
C PHE B 51 -10.48 13.04 -23.13
N PHE B 52 -11.30 12.96 -22.09
CA PHE B 52 -12.58 13.66 -22.14
C PHE B 52 -12.34 15.17 -22.13
N THR B 53 -11.40 15.60 -21.31
CA THR B 53 -11.02 17.00 -21.28
C THR B 53 -10.46 17.44 -22.63
N MET B 54 -9.61 16.62 -23.24
CA MET B 54 -9.11 16.95 -24.57
C MET B 54 -10.27 17.07 -25.58
N LYS B 55 -11.24 16.15 -25.52
CA LYS B 55 -12.40 16.17 -26.40
C LYS B 55 -13.17 17.47 -26.27
N GLN B 56 -13.36 17.90 -25.02
CA GLN B 56 -14.04 19.14 -24.72
C GLN B 56 -13.26 20.36 -25.19
N ASN B 57 -11.95 20.35 -24.91
CA ASN B 57 -11.04 21.40 -25.36
C ASN B 57 -11.04 21.51 -26.89
N LEU B 58 -11.08 20.37 -27.56
CA LEU B 58 -11.08 20.35 -29.02
C LEU B 58 -12.30 21.08 -29.53
N GLU B 59 -13.45 20.70 -29.01
CA GLU B 59 -14.74 21.23 -29.48
C GLU B 59 -14.96 22.67 -29.00
N ALA B 60 -14.20 23.09 -27.98
CA ALA B 60 -14.29 24.46 -27.48
C ALA B 60 -13.29 25.33 -28.23
N TYR B 61 -12.83 24.80 -29.35
CA TYR B 61 -11.87 25.48 -30.22
C TYR B 61 -10.60 25.91 -29.48
N ARG B 62 -10.15 25.11 -28.52
CA ARG B 62 -8.93 25.41 -27.75
C ARG B 62 -7.62 24.90 -28.37
N TYR B 63 -7.70 24.01 -29.36
CA TYR B 63 -6.48 23.59 -30.06
C TYR B 63 -6.46 24.26 -31.43
N LEU B 64 -5.67 25.32 -31.55
CA LEU B 64 -5.59 26.12 -32.79
C LEU B 64 -4.32 25.80 -33.58
N ASN B 65 -3.52 24.93 -32.99
CA ASN B 65 -2.32 24.43 -33.62
C ASN B 65 -2.07 23.03 -33.09
N PHE B 66 -1.18 22.29 -33.73
CA PHE B 66 -0.98 20.90 -33.37
C PHE B 66 -0.11 20.77 -32.10
N ASP B 67 0.80 21.72 -31.87
CA ASP B 67 1.73 21.57 -30.73
C ASP B 67 0.98 21.56 -29.40
N ASP B 68 -0.10 22.33 -29.31
CA ASP B 68 -0.95 22.37 -28.10
C ASP B 68 -1.73 21.10 -27.89
N PHE B 69 -2.22 20.50 -28.97
CA PHE B 69 -2.88 19.21 -28.89
C PHE B 69 -1.87 18.16 -28.36
N GLU B 70 -0.69 18.15 -28.96
CA GLU B 70 0.33 17.18 -28.56
C GLU B 70 0.73 17.39 -27.10
N GLU B 71 0.80 18.64 -26.69
CA GLU B 71 1.19 18.97 -25.31
C GLU B 71 0.19 18.43 -24.27
N ASP B 72 -1.09 18.50 -24.59
CA ASP B 72 -2.11 17.97 -23.67
C ASP B 72 -2.05 16.47 -23.60
N PHE B 73 -1.82 15.81 -24.73
CA PHE B 73 -1.61 14.37 -24.67
C PHE B 73 -0.41 14.02 -23.79
N ASN B 74 0.70 14.74 -23.98
CA ASN B 74 1.93 14.47 -23.24
C ASN B 74 1.74 14.60 -21.73
N LEU B 75 0.86 15.53 -21.34
CA LEU B 75 0.50 15.78 -19.94
C LEU B 75 -0.21 14.56 -19.38
N ILE B 76 -1.06 13.97 -20.22
CA ILE B 76 -1.80 12.80 -19.80
C ILE B 76 -0.78 11.74 -19.38
N VAL B 77 0.28 11.60 -20.17
CA VAL B 77 1.29 10.58 -19.88
C VAL B 77 2.18 10.99 -18.71
N SER B 78 2.73 12.20 -18.80
CA SER B 78 3.72 12.71 -17.86
C SER B 78 3.17 12.90 -16.44
N ASN B 79 1.90 13.27 -16.33
CA ASN B 79 1.24 13.38 -15.02
C ASN B 79 1.18 12.04 -14.33
N CYS B 80 0.77 11.04 -15.11
CA CYS B 80 0.56 9.70 -14.60
C CYS B 80 1.88 9.08 -14.16
N LEU B 81 2.95 9.33 -14.92
CA LEU B 81 4.26 8.83 -14.50
C LEU B 81 4.76 9.55 -13.23
N LYS B 82 4.55 10.86 -13.19
CA LYS B 82 5.01 11.70 -12.10
C LYS B 82 4.28 11.36 -10.82
N TYR B 83 3.00 11.04 -10.94
CA TYR B 83 2.23 10.83 -9.73
C TYR B 83 2.36 9.45 -9.13
N ASN B 84 2.20 8.43 -9.96
CA ASN B 84 2.14 7.04 -9.49
C ASN B 84 3.49 6.33 -9.29
N ALA B 85 3.52 5.38 -8.35
CA ALA B 85 4.70 4.55 -8.15
C ALA B 85 4.93 3.64 -9.39
N LYS B 86 6.18 3.28 -9.63
CA LYS B 86 6.58 2.55 -10.84
C LYS B 86 5.87 1.23 -11.01
N ASP B 87 5.51 0.60 -9.89
CA ASP B 87 5.04 -0.79 -9.97
C ASP B 87 3.52 -0.86 -9.80
N THR B 88 2.86 0.10 -10.42
CA THR B 88 1.41 0.18 -10.47
C THR B 88 0.84 -0.07 -11.87
N ILE B 89 -0.40 -0.53 -11.91
CA ILE B 89 -1.17 -0.61 -13.14
C ILE B 89 -1.18 0.72 -13.91
N PHE B 90 -1.32 1.84 -13.20
CA PHE B 90 -1.39 3.13 -13.86
C PHE B 90 -0.09 3.53 -14.51
N TYR B 91 1.01 3.42 -13.77
CA TYR B 91 2.31 3.82 -14.30
C TYR B 91 2.64 3.03 -15.57
N ARG B 92 2.42 1.73 -15.53
CA ARG B 92 2.75 0.84 -16.66
C ARG B 92 1.93 1.21 -17.89
N ALA B 93 0.69 1.64 -17.64
CA ALA B 93 -0.24 2.00 -18.70
C ALA B 93 0.19 3.25 -19.42
N ALA B 94 0.89 4.10 -18.68
CA ALA B 94 1.41 5.35 -19.21
C ALA B 94 2.64 5.14 -20.08
N VAL B 95 3.52 4.25 -19.64
CA VAL B 95 4.71 3.85 -20.40
C VAL B 95 4.31 3.35 -21.79
N ARG B 96 3.27 2.50 -21.81
CA ARG B 96 2.78 1.92 -23.05
C ARG B 96 1.95 2.91 -23.87
N LEU B 97 1.37 3.91 -23.24
CA LEU B 97 0.64 4.91 -24.02
C LEU B 97 1.61 5.82 -24.77
N ARG B 98 2.67 6.20 -24.06
CA ARG B 98 3.73 7.02 -24.63
C ARG B 98 4.35 6.31 -25.85
N GLU B 99 4.55 4.99 -25.79
CA GLU B 99 5.17 4.28 -26.91
C GLU B 99 4.22 4.28 -28.12
N GLN B 100 3.00 3.85 -27.85
CA GLN B 100 1.96 3.69 -28.87
C GLN B 100 1.41 5.02 -29.37
N GLY B 101 1.32 5.98 -28.44
CA GLY B 101 0.85 7.29 -28.79
C GLY B 101 1.77 8.00 -29.79
N GLY B 102 3.06 7.69 -29.72
CA GLY B 102 4.07 8.33 -30.54
C GLY B 102 3.81 8.19 -32.02
N ALA B 103 3.57 6.96 -32.46
CA ALA B 103 3.31 6.65 -33.86
C ALA B 103 2.09 7.40 -34.36
N VAL B 104 1.04 7.38 -33.55
CA VAL B 104 -0.16 8.14 -33.88
C VAL B 104 0.10 9.64 -34.01
N LEU B 105 0.80 10.22 -33.04
CA LEU B 105 1.02 11.67 -33.07
C LEU B 105 1.92 12.06 -34.20
N ARG B 106 2.84 11.17 -34.53
CA ARG B 106 3.83 11.46 -35.54
C ARG B 106 3.20 11.54 -36.91
N GLN B 107 2.33 10.57 -37.21
CA GLN B 107 1.63 10.54 -38.49
C GLN B 107 0.66 11.74 -38.59
N ALA B 108 0.00 12.08 -37.49
CA ALA B 108 -0.97 13.18 -37.51
C ALA B 108 -0.27 14.52 -37.71
N ARG B 109 0.89 14.68 -37.07
CA ARG B 109 1.68 15.89 -37.32
C ARG B 109 2.01 16.02 -38.81
N ARG B 110 2.40 14.90 -39.44
CA ARG B 110 2.72 14.91 -40.85
C ARG B 110 1.53 15.31 -41.71
N GLN B 111 0.33 14.82 -41.35
CA GLN B 111 -0.87 15.18 -42.07
C GLN B 111 -1.22 16.61 -41.77
N ALA B 112 -0.93 17.09 -40.56
CA ALA B 112 -1.20 18.48 -40.21
C ALA B 112 -0.30 19.48 -40.92
N GLU B 113 0.98 19.17 -40.98
CA GLU B 113 1.92 20.08 -41.63
C GLU B 113 1.67 20.25 -43.11
N LYS B 114 0.87 19.37 -43.70
CA LYS B 114 0.56 19.51 -45.12
C LYS B 114 -0.55 20.54 -45.33
N MET B 115 -1.15 20.99 -44.24
CA MET B 115 -2.32 21.86 -44.30
C MET B 115 -1.99 23.34 -44.38
N GLY B 116 -1.06 23.80 -43.55
CA GLY B 116 -0.75 25.21 -43.51
C GLY B 116 0.43 25.52 -44.40
N GLN C 5 -13.42 -29.48 39.11
CA GLN C 5 -13.79 -28.16 38.60
C GLN C 5 -13.71 -28.09 37.06
N LEU C 6 -14.24 -29.12 36.42
CA LEU C 6 -14.32 -29.21 34.97
C LEU C 6 -15.24 -28.06 34.46
N THR C 7 -14.89 -27.47 33.32
CA THR C 7 -15.46 -26.20 32.85
C THR C 7 -15.88 -26.26 31.38
N PRO C 8 -16.94 -25.50 30.99
CA PRO C 8 -17.34 -25.54 29.57
C PRO C 8 -16.21 -25.11 28.63
N PHE C 9 -15.47 -24.09 29.05
CA PHE C 9 -14.34 -23.64 28.26
C PHE C 9 -13.24 -24.72 28.23
N LEU C 10 -12.97 -25.36 29.38
CA LEU C 10 -11.95 -26.39 29.38
C LEU C 10 -12.26 -27.49 28.39
N ILE C 11 -13.52 -27.89 28.34
CA ILE C 11 -13.96 -28.97 27.46
C ILE C 11 -13.96 -28.60 25.99
N LEU C 12 -14.27 -27.35 25.70
CA LEU C 12 -14.19 -26.85 24.33
C LEU C 12 -12.79 -27.02 23.82
N LEU C 13 -11.81 -26.56 24.61
CA LEU C 13 -10.41 -26.67 24.24
C LEU C 13 -9.91 -28.13 24.18
N ARG C 14 -10.39 -29.00 25.06
CA ARG C 14 -9.99 -30.41 24.99
C ARG C 14 -10.46 -31.03 23.70
N LYS C 15 -11.73 -30.81 23.37
CA LYS C 15 -12.31 -31.33 22.13
C LYS C 15 -11.66 -30.72 20.90
N THR C 16 -11.47 -29.40 20.91
CA THR C 16 -10.82 -28.70 19.82
C THR C 16 -9.40 -29.18 19.56
N LEU C 17 -8.62 -29.34 20.64
CA LEU C 17 -7.25 -29.79 20.53
C LEU C 17 -7.18 -31.17 19.86
N GLU C 18 -8.09 -32.09 20.23
CA GLU C 18 -7.98 -33.43 19.62
C GLU C 18 -8.52 -33.47 18.21
N GLN C 19 -9.33 -32.48 17.86
CA GLN C 19 -9.80 -32.39 16.49
C GLN C 19 -8.69 -31.94 15.60
N LEU C 20 -7.93 -30.96 16.08
CA LEU C 20 -6.75 -30.48 15.36
C LEU C 20 -5.71 -31.60 15.29
N GLN C 21 -5.60 -32.35 16.38
CA GLN C 21 -4.62 -33.40 16.48
C GLN C 21 -4.93 -34.60 15.57
N GLU C 22 -6.20 -34.79 15.24
CA GLU C 22 -6.57 -35.87 14.32
C GLU C 22 -6.24 -35.50 12.87
N LYS C 23 -6.06 -34.21 12.62
CA LYS C 23 -5.64 -33.76 11.31
C LYS C 23 -4.15 -33.97 11.06
N ASP C 24 -3.37 -34.04 12.14
CA ASP C 24 -1.94 -34.26 12.06
C ASP C 24 -1.67 -35.76 11.96
N THR C 25 -1.81 -36.30 10.75
CA THR C 25 -1.76 -37.75 10.58
C THR C 25 -0.36 -38.39 10.70
N GLY C 26 0.68 -37.64 10.38
CA GLY C 26 2.03 -38.13 10.58
C GLY C 26 2.49 -38.06 12.02
N ASN C 27 1.65 -37.49 12.88
CA ASN C 27 2.05 -37.15 14.25
C ASN C 27 3.37 -36.39 14.20
N ILE C 28 3.42 -35.47 13.24
CA ILE C 28 4.60 -34.68 13.01
C ILE C 28 4.76 -33.61 14.08
N PHE C 29 3.62 -33.14 14.59
CA PHE C 29 3.58 -32.01 15.50
C PHE C 29 3.12 -32.42 16.91
N SER C 30 3.10 -33.72 17.14
CA SER C 30 2.53 -34.21 18.39
CA SER C 30 2.55 -34.25 18.39
C SER C 30 3.42 -33.93 19.60
N GLU C 31 4.72 -33.79 19.37
CA GLU C 31 5.64 -33.58 20.49
C GLU C 31 6.66 -32.48 20.18
N PRO C 32 7.30 -31.92 21.23
CA PRO C 32 8.25 -30.85 20.92
C PRO C 32 9.30 -31.34 19.90
N VAL C 33 9.75 -30.42 19.05
CA VAL C 33 10.77 -30.69 18.07
C VAL C 33 12.01 -31.18 18.84
N PRO C 34 12.44 -32.43 18.57
CA PRO C 34 13.56 -33.04 19.32
C PRO C 34 14.86 -32.27 19.12
N LEU C 35 15.25 -31.47 20.10
CA LEU C 35 16.42 -30.62 19.97
C LEU C 35 17.73 -31.44 19.84
N SER C 36 17.75 -32.66 20.34
CA SER C 36 18.91 -33.53 20.13
C SER C 36 19.06 -33.80 18.64
N GLU C 37 17.96 -33.79 17.92
CA GLU C 37 17.96 -34.13 16.50
C GLU C 37 18.21 -32.90 15.61
N VAL C 38 17.93 -31.74 16.19
CA VAL C 38 17.98 -30.47 15.50
C VAL C 38 18.65 -29.45 16.40
N PRO C 39 20.00 -29.52 16.50
CA PRO C 39 20.71 -28.71 17.50
C PRO C 39 20.55 -27.20 17.34
N ASP C 40 20.47 -26.70 16.10
CA ASP C 40 20.36 -25.26 15.89
C ASP C 40 18.92 -24.73 15.99
N TYR C 41 17.95 -25.60 16.26
CA TYR C 41 16.55 -25.17 16.17
C TYR C 41 16.20 -23.90 16.96
N LEU C 42 16.72 -23.77 18.19
CA LEU C 42 16.35 -22.65 19.04
C LEU C 42 17.05 -21.36 18.60
N ASP C 43 18.05 -21.52 17.74
CA ASP C 43 18.74 -20.41 17.14
C ASP C 43 17.76 -19.62 16.25
N HIS C 44 16.83 -20.32 15.62
CA HIS C 44 15.89 -19.69 14.68
C HIS C 44 14.46 -19.58 15.20
N ILE C 45 14.09 -20.47 16.10
CA ILE C 45 12.72 -20.50 16.59
C ILE C 45 12.70 -20.05 18.05
N LYS C 46 12.23 -18.83 18.27
CA LYS C 46 12.20 -18.20 19.59
C LYS C 46 11.22 -18.93 20.51
N LYS C 47 10.02 -19.24 20.00
CA LYS C 47 9.02 -19.86 20.85
C LYS C 47 8.50 -21.16 20.25
N PRO C 48 9.11 -22.30 20.64
CA PRO C 48 8.70 -23.64 20.20
C PRO C 48 7.27 -23.97 20.61
N MET C 49 6.56 -24.78 19.82
CA MET C 49 5.19 -25.16 20.12
C MET C 49 4.86 -26.46 19.42
N ASP C 50 3.94 -27.20 20.01
CA ASP C 50 3.56 -28.53 19.58
C ASP C 50 2.26 -28.88 20.29
N PHE C 51 1.61 -29.97 19.89
CA PHE C 51 0.34 -30.30 20.53
C PHE C 51 0.49 -30.72 22.00
N PHE C 52 1.61 -31.37 22.34
CA PHE C 52 1.82 -31.80 23.72
C PHE C 52 1.94 -30.62 24.68
N THR C 53 2.68 -29.60 24.26
CA THR C 53 2.80 -28.39 25.05
C THR C 53 1.44 -27.70 25.21
N MET C 54 0.67 -27.64 24.13
CA MET C 54 -0.68 -27.07 24.15
C MET C 54 -1.53 -27.82 25.15
N LYS C 55 -1.43 -29.15 25.12
CA LYS C 55 -2.16 -29.98 26.06
C LYS C 55 -1.82 -29.62 27.51
N GLN C 56 -0.55 -29.39 27.79
CA GLN C 56 -0.12 -29.00 29.14
C GLN C 56 -0.57 -27.61 29.52
N ASN C 57 -0.45 -26.67 28.59
CA ASN C 57 -0.98 -25.33 28.82
C ASN C 57 -2.49 -25.38 29.09
N LEU C 58 -3.16 -26.23 28.34
CA LEU C 58 -4.60 -26.41 28.44
C LEU C 58 -5.03 -26.96 29.79
N GLU C 59 -4.43 -28.06 30.22
CA GLU C 59 -4.89 -28.72 31.45
C GLU C 59 -4.51 -27.95 32.71
N ALA C 60 -3.49 -27.11 32.61
CA ALA C 60 -3.08 -26.25 33.70
C ALA C 60 -3.76 -24.89 33.64
N TYR C 61 -4.87 -24.77 32.92
CA TYR C 61 -5.61 -23.49 32.78
C TYR C 61 -4.76 -22.29 32.37
N ARG C 62 -3.84 -22.49 31.44
CA ARG C 62 -2.96 -21.40 31.05
C ARG C 62 -3.59 -20.50 29.97
N TYR C 63 -4.64 -20.99 29.32
CA TYR C 63 -5.32 -20.23 28.26
C TYR C 63 -6.50 -19.48 28.84
N LEU C 64 -6.45 -18.15 28.74
CA LEU C 64 -7.47 -17.32 29.37
C LEU C 64 -8.58 -16.97 28.39
N ASN C 65 -8.38 -17.30 27.12
CA ASN C 65 -9.42 -17.15 26.10
C ASN C 65 -9.07 -17.98 24.88
N PHE C 66 -9.94 -17.97 23.89
CA PHE C 66 -9.72 -18.82 22.75
C PHE C 66 -8.56 -18.32 21.88
N ASP C 67 -8.40 -17.01 21.79
CA ASP C 67 -7.36 -16.50 20.90
C ASP C 67 -5.93 -16.82 21.34
N ASP C 68 -5.71 -17.00 22.64
CA ASP C 68 -4.38 -17.39 23.11
C ASP C 68 -4.08 -18.82 22.64
N PHE C 69 -5.10 -19.67 22.73
CA PHE C 69 -5.06 -21.04 22.21
C PHE C 69 -4.80 -21.07 20.69
N GLU C 70 -5.61 -20.29 19.98
CA GLU C 70 -5.51 -20.25 18.53
C GLU C 70 -4.12 -19.75 18.10
N GLU C 71 -3.58 -18.79 18.85
CA GLU C 71 -2.24 -18.29 18.55
C GLU C 71 -1.17 -19.40 18.71
N ASP C 72 -1.33 -20.26 19.72
CA ASP C 72 -0.40 -21.37 19.89
C ASP C 72 -0.51 -22.39 18.75
N PHE C 73 -1.74 -22.69 18.27
CA PHE C 73 -1.88 -23.56 17.10
C PHE C 73 -1.09 -22.94 15.96
N ASN C 74 -1.28 -21.64 15.76
CA ASN C 74 -0.62 -20.92 14.68
C ASN C 74 0.92 -20.95 14.77
N LEU C 75 1.46 -20.98 16.00
CA LEU C 75 2.90 -21.11 16.17
C LEU C 75 3.43 -22.43 15.65
N ILE C 76 2.68 -23.50 15.86
CA ILE C 76 3.09 -24.80 15.41
C ILE C 76 3.38 -24.74 13.89
N VAL C 77 2.48 -24.06 13.17
CA VAL C 77 2.58 -23.90 11.74
C VAL C 77 3.63 -22.88 11.31
N SER C 78 3.61 -21.69 11.91
CA SER C 78 4.53 -20.65 11.43
C SER C 78 6.00 -21.00 11.73
N ASN C 79 6.27 -21.63 12.89
CA ASN C 79 7.62 -22.07 13.23
C ASN C 79 8.13 -23.10 12.24
N CYS C 80 7.27 -24.05 11.94
CA CYS C 80 7.64 -25.13 11.07
C CYS C 80 7.94 -24.62 9.66
N LEU C 81 7.14 -23.68 9.17
CA LEU C 81 7.38 -23.07 7.84
C LEU C 81 8.65 -22.24 7.83
N LYS C 82 8.90 -21.56 8.95
CA LYS C 82 10.06 -20.70 9.08
C LYS C 82 11.35 -21.53 9.09
N TYR C 83 11.31 -22.68 9.75
CA TYR C 83 12.52 -23.47 9.94
C TYR C 83 12.85 -24.42 8.79
N ASN C 84 11.84 -25.14 8.31
CA ASN C 84 12.08 -26.15 7.28
C ASN C 84 12.06 -25.56 5.87
N ALA C 85 12.87 -26.13 4.97
CA ALA C 85 12.90 -25.73 3.57
C ALA C 85 11.58 -26.07 2.88
N LYS C 86 11.23 -25.31 1.84
CA LYS C 86 9.86 -25.34 1.29
C LYS C 86 9.26 -26.68 0.89
N ASP C 87 10.06 -27.63 0.41
CA ASP C 87 9.45 -28.89 0.01
C ASP C 87 9.97 -30.05 0.86
N THR C 88 9.92 -29.81 2.16
CA THR C 88 10.33 -30.76 3.19
C THR C 88 9.06 -31.48 3.62
N ILE C 89 9.20 -32.72 4.08
CA ILE C 89 8.09 -33.46 4.65
C ILE C 89 7.36 -32.65 5.72
N PHE C 90 8.11 -31.95 6.56
CA PHE C 90 7.54 -31.18 7.66
C PHE C 90 6.79 -29.95 7.10
N TYR C 91 7.42 -29.23 6.17
CA TYR C 91 6.87 -28.02 5.60
C TYR C 91 5.49 -28.27 4.97
N ARG C 92 5.42 -29.33 4.16
CA ARG C 92 4.20 -29.74 3.47
C ARG C 92 3.15 -30.13 4.49
N ALA C 93 3.59 -30.79 5.55
CA ALA C 93 2.65 -31.20 6.59
C ALA C 93 2.14 -29.99 7.38
N ALA C 94 2.94 -28.93 7.46
CA ALA C 94 2.51 -27.71 8.16
C ALA C 94 1.50 -26.97 7.31
N VAL C 95 1.81 -26.86 6.01
CA VAL C 95 0.90 -26.25 5.02
C VAL C 95 -0.45 -26.94 5.06
N ARG C 96 -0.44 -28.28 5.04
CA ARG C 96 -1.69 -29.02 5.05
C ARG C 96 -2.35 -28.98 6.41
N LEU C 97 -1.57 -28.79 7.48
CA LEU C 97 -2.19 -28.69 8.80
C LEU C 97 -2.92 -27.36 8.98
N ARG C 98 -2.34 -26.25 8.54
CA ARG C 98 -3.10 -24.99 8.61
C ARG C 98 -4.42 -25.12 7.85
N GLU C 99 -4.36 -25.76 6.69
CA GLU C 99 -5.52 -25.92 5.84
C GLU C 99 -6.61 -26.72 6.54
N GLN C 100 -6.25 -27.87 7.09
CA GLN C 100 -7.20 -28.72 7.76
C GLN C 100 -7.59 -28.12 9.11
N GLY C 101 -6.66 -27.43 9.76
CA GLY C 101 -6.95 -26.74 11.01
C GLY C 101 -7.95 -25.59 10.97
N GLY C 102 -8.03 -24.89 9.82
CA GLY C 102 -8.86 -23.70 9.68
C GLY C 102 -10.35 -23.86 9.97
N ALA C 103 -10.96 -24.88 9.38
CA ALA C 103 -12.36 -25.17 9.65
C ALA C 103 -12.63 -25.51 11.12
N VAL C 104 -11.76 -26.32 11.72
CA VAL C 104 -11.85 -26.72 13.13
C VAL C 104 -11.79 -25.49 14.05
N LEU C 105 -10.85 -24.59 13.78
CA LEU C 105 -10.69 -23.40 14.60
C LEU C 105 -11.86 -22.47 14.42
N ARG C 106 -12.46 -22.48 13.22
CA ARG C 106 -13.55 -21.56 12.90
C ARG C 106 -14.79 -21.88 13.75
N GLN C 107 -15.14 -23.16 13.79
CA GLN C 107 -16.30 -23.63 14.55
C GLN C 107 -16.10 -23.50 16.06
N ALA C 108 -14.89 -23.80 16.51
CA ALA C 108 -14.60 -23.78 17.93
C ALA C 108 -14.58 -22.35 18.45
N ARG C 109 -14.01 -21.44 17.67
CA ARG C 109 -13.95 -20.02 18.00
C ARG C 109 -15.35 -19.48 18.24
N ARG C 110 -16.25 -19.85 17.32
CA ARG C 110 -17.64 -19.43 17.34
C ARG C 110 -18.33 -19.94 18.59
N GLN C 111 -17.99 -21.14 19.00
CA GLN C 111 -18.61 -21.73 20.18
C GLN C 111 -18.07 -21.05 21.46
N ALA C 112 -16.82 -20.58 21.42
CA ALA C 112 -16.23 -19.90 22.56
C ALA C 112 -16.91 -18.56 22.82
N GLU C 113 -17.13 -17.79 21.76
CA GLU C 113 -17.73 -16.47 21.92
C GLU C 113 -19.16 -16.56 22.43
N LYS C 114 -19.76 -17.75 22.32
CA LYS C 114 -21.12 -17.97 22.82
C LYS C 114 -21.11 -18.21 24.30
N MET C 115 -19.92 -18.38 24.89
CA MET C 115 -19.89 -18.72 26.30
C MET C 115 -19.95 -17.48 27.19
N GLY C 116 -19.13 -16.50 26.89
CA GLY C 116 -19.06 -15.35 27.77
C GLY C 116 -19.95 -14.23 27.29
N LEU D 6 22.44 27.57 -13.44
CA LEU D 6 21.81 28.79 -12.98
C LEU D 6 20.44 29.02 -13.64
N THR D 7 19.42 29.05 -12.80
CA THR D 7 18.01 28.98 -13.17
C THR D 7 17.17 29.94 -12.32
N PRO D 8 16.08 30.50 -12.88
CA PRO D 8 15.26 31.38 -12.06
C PRO D 8 14.67 30.68 -10.86
N PHE D 9 14.25 29.44 -11.04
CA PHE D 9 13.65 28.64 -9.97
C PHE D 9 14.68 28.40 -8.87
N LEU D 10 15.90 28.06 -9.30
CA LEU D 10 17.01 27.79 -8.39
C LEU D 10 17.34 29.00 -7.54
N ILE D 11 17.33 30.17 -8.15
CA ILE D 11 17.58 31.39 -7.42
C ILE D 11 16.44 31.77 -6.49
N LEU D 12 15.21 31.51 -6.90
CA LEU D 12 14.08 31.71 -6.00
C LEU D 12 14.22 30.85 -4.74
N LEU D 13 14.49 29.56 -4.92
CA LEU D 13 14.60 28.65 -3.76
C LEU D 13 15.78 29.00 -2.87
N ARG D 14 16.89 29.45 -3.46
CA ARG D 14 18.04 29.88 -2.67
C ARG D 14 17.74 31.06 -1.79
N LYS D 15 17.13 32.11 -2.36
CA LYS D 15 16.75 33.30 -1.60
C LYS D 15 15.68 32.99 -0.56
N THR D 16 14.67 32.23 -0.96
CA THR D 16 13.60 31.77 -0.07
C THR D 16 14.13 30.96 1.12
N LEU D 17 15.07 30.05 0.87
CA LEU D 17 15.68 29.29 1.95
C LEU D 17 16.40 30.21 2.93
N GLU D 18 17.16 31.18 2.42
CA GLU D 18 17.91 32.07 3.29
C GLU D 18 17.03 33.09 3.97
N GLN D 19 15.83 33.29 3.46
CA GLN D 19 14.84 34.12 4.12
C GLN D 19 14.20 33.36 5.27
N LEU D 20 13.92 32.09 5.06
CA LEU D 20 13.39 31.27 6.14
C LEU D 20 14.44 31.15 7.27
N GLN D 21 15.71 31.00 6.90
CA GLN D 21 16.75 30.80 7.89
C GLN D 21 16.97 32.02 8.75
N GLU D 22 16.60 33.18 8.22
CA GLU D 22 16.74 34.43 8.97
C GLU D 22 15.68 34.53 10.07
N LYS D 23 14.60 33.77 9.93
CA LYS D 23 13.55 33.71 10.94
C LYS D 23 13.93 32.79 12.10
N ASP D 24 14.81 31.84 11.81
CA ASP D 24 15.30 30.90 12.81
C ASP D 24 16.44 31.54 13.60
N THR D 25 16.09 32.41 14.55
CA THR D 25 17.11 33.19 15.24
C THR D 25 17.91 32.37 16.24
N GLY D 26 17.33 31.29 16.78
CA GLY D 26 18.08 30.40 17.64
C GLY D 26 19.05 29.44 16.95
N ASN D 27 19.03 29.44 15.61
CA ASN D 27 19.75 28.43 14.81
C ASN D 27 19.40 27.03 15.30
N ILE D 28 18.13 26.84 15.61
CA ILE D 28 17.59 25.60 16.14
C ILE D 28 17.40 24.53 15.04
N PHE D 29 17.16 25.01 13.83
CA PHE D 29 16.82 24.13 12.73
C PHE D 29 17.89 24.14 11.63
N SER D 30 19.05 24.73 11.92
CA SER D 30 20.13 24.84 10.95
C SER D 30 20.63 23.47 10.51
N GLU D 31 20.72 22.55 11.47
CA GLU D 31 21.37 21.27 11.19
C GLU D 31 20.51 20.11 11.66
N PRO D 32 20.81 18.91 11.15
CA PRO D 32 19.99 17.79 11.57
C PRO D 32 19.93 17.64 13.10
N VAL D 33 18.80 17.15 13.55
CA VAL D 33 18.63 16.81 14.95
C VAL D 33 19.71 15.78 15.30
N PRO D 34 20.62 16.18 16.23
CA PRO D 34 21.75 15.31 16.58
C PRO D 34 21.28 14.01 17.17
N LEU D 35 21.26 12.94 16.39
CA LEU D 35 20.75 11.67 16.86
C LEU D 35 21.53 11.10 18.06
N SER D 36 22.80 11.48 18.22
CA SER D 36 23.59 11.06 19.40
C SER D 36 22.97 11.63 20.68
N GLU D 37 22.36 12.79 20.53
CA GLU D 37 21.81 13.51 21.65
C GLU D 37 20.39 13.08 21.93
N VAL D 38 19.75 12.52 20.92
CA VAL D 38 18.33 12.19 20.95
C VAL D 38 18.18 10.78 20.44
N PRO D 39 18.55 9.79 21.26
CA PRO D 39 18.65 8.42 20.75
C PRO D 39 17.35 7.82 20.19
N ASP D 40 16.20 8.14 20.78
CA ASP D 40 14.98 7.51 20.29
C ASP D 40 14.37 8.25 19.09
N TYR D 41 14.97 9.37 18.66
CA TYR D 41 14.32 10.29 17.70
C TYR D 41 13.73 9.60 16.48
N LEU D 42 14.44 8.60 15.95
CA LEU D 42 13.99 7.92 14.75
C LEU D 42 12.89 6.90 15.05
N ASP D 43 12.68 6.58 16.32
CA ASP D 43 11.53 5.77 16.72
C ASP D 43 10.21 6.50 16.42
N HIS D 44 10.20 7.83 16.52
CA HIS D 44 8.96 8.57 16.32
C HIS D 44 8.92 9.39 15.04
N ILE D 45 10.08 9.76 14.52
CA ILE D 45 10.10 10.66 13.35
C ILE D 45 10.60 9.95 12.09
N LYS D 46 9.67 9.69 11.16
CA LYS D 46 9.98 8.93 9.94
C LYS D 46 10.97 9.67 9.05
N LYS D 47 10.71 10.94 8.79
CA LYS D 47 11.57 11.69 7.90
C LYS D 47 12.10 12.99 8.50
N PRO D 48 13.31 12.93 9.09
CA PRO D 48 14.00 14.09 9.64
C PRO D 48 14.20 15.15 8.58
N MET D 49 14.26 16.42 8.97
CA MET D 49 14.44 17.53 8.02
C MET D 49 15.01 18.71 8.79
N ASP D 50 15.72 19.58 8.10
CA ASP D 50 16.44 20.70 8.68
C ASP D 50 16.86 21.58 7.53
N PHE D 51 17.36 22.77 7.81
CA PHE D 51 17.74 23.69 6.73
C PHE D 51 18.96 23.21 5.89
N PHE D 52 19.92 22.52 6.53
CA PHE D 52 21.11 22.03 5.82
C PHE D 52 20.74 20.92 4.84
N THR D 53 19.85 20.04 5.28
CA THR D 53 19.32 19.00 4.42
C THR D 53 18.50 19.60 3.26
N MET D 54 17.68 20.63 3.54
CA MET D 54 16.95 21.33 2.50
C MET D 54 17.91 21.96 1.49
N LYS D 55 18.97 22.57 2.01
CA LYS D 55 19.99 23.22 1.18
C LYS D 55 20.61 22.20 0.23
N GLN D 56 20.86 21.00 0.75
CA GLN D 56 21.41 19.91 -0.06
C GLN D 56 20.46 19.39 -1.13
N ASN D 57 19.20 19.18 -0.75
CA ASN D 57 18.18 18.76 -1.70
C ASN D 57 18.08 19.74 -2.85
N LEU D 58 18.20 21.01 -2.50
CA LEU D 58 18.12 22.11 -3.41
C LEU D 58 19.23 22.07 -4.47
N GLU D 59 20.47 21.92 -4.02
CA GLU D 59 21.58 22.03 -4.93
C GLU D 59 21.72 20.76 -5.77
N ALA D 60 21.11 19.68 -5.31
CA ALA D 60 21.10 18.45 -6.09
C ALA D 60 19.83 18.39 -6.94
N TYR D 61 19.13 19.52 -7.07
CA TYR D 61 17.88 19.61 -7.85
C TYR D 61 16.81 18.57 -7.50
N ARG D 62 16.59 18.29 -6.21
CA ARG D 62 15.56 17.32 -5.84
C ARG D 62 14.16 17.93 -5.80
N TYR D 63 14.06 19.25 -5.89
CA TYR D 63 12.75 19.90 -5.88
C TYR D 63 12.28 20.16 -7.31
N LEU D 64 11.18 19.50 -7.71
CA LEU D 64 10.70 19.57 -9.09
C LEU D 64 9.61 20.65 -9.23
N ASN D 65 9.18 21.17 -8.09
CA ASN D 65 8.26 22.30 -8.03
C ASN D 65 8.36 22.96 -6.66
N PHE D 66 7.66 24.07 -6.48
CA PHE D 66 7.75 24.81 -5.23
C PHE D 66 7.11 24.01 -4.11
N ASP D 67 6.08 23.23 -4.43
CA ASP D 67 5.36 22.50 -3.40
C ASP D 67 6.25 21.48 -2.67
N ASP D 68 7.24 20.94 -3.38
CA ASP D 68 8.19 20.02 -2.78
C ASP D 68 9.09 20.72 -1.77
N PHE D 69 9.55 21.91 -2.13
CA PHE D 69 10.32 22.75 -1.21
C PHE D 69 9.51 23.13 0.04
N GLU D 70 8.30 23.64 -0.16
CA GLU D 70 7.46 24.04 0.98
C GLU D 70 7.13 22.86 1.88
N GLU D 71 6.94 21.68 1.27
CA GLU D 71 6.64 20.47 2.03
C GLU D 71 7.78 20.09 3.02
N ASP D 72 9.03 20.22 2.56
CA ASP D 72 10.15 19.95 3.46
C ASP D 72 10.22 21.00 4.59
N PHE D 73 9.96 22.26 4.28
CA PHE D 73 9.91 23.24 5.37
C PHE D 73 8.89 22.82 6.41
N ASN D 74 7.68 22.46 5.96
CA ASN D 74 6.61 22.05 6.87
C ASN D 74 7.02 20.86 7.73
N LEU D 75 7.87 20.01 7.18
CA LEU D 75 8.43 18.86 7.91
C LEU D 75 9.30 19.27 9.08
N ILE D 76 10.10 20.31 8.88
CA ILE D 76 10.96 20.84 9.92
C ILE D 76 10.10 21.17 11.14
N VAL D 77 8.96 21.82 10.87
CA VAL D 77 8.03 22.22 11.91
C VAL D 77 7.24 21.04 12.45
N SER D 78 6.66 20.22 11.57
CA SER D 78 5.74 19.21 12.09
C SER D 78 6.47 18.16 12.94
N ASN D 79 7.69 17.77 12.53
CA ASN D 79 8.53 16.84 13.27
C ASN D 79 8.84 17.34 14.67
N CYS D 80 9.20 18.61 14.72
CA CYS D 80 9.62 19.23 15.97
C CYS D 80 8.48 19.29 16.97
N LEU D 81 7.28 19.65 16.48
CA LEU D 81 6.10 19.69 17.33
C LEU D 81 5.73 18.31 17.78
N LYS D 82 5.92 17.35 16.86
CA LYS D 82 5.56 15.97 17.09
C LYS D 82 6.47 15.34 18.15
N TYR D 83 7.75 15.68 18.07
CA TYR D 83 8.72 15.05 18.94
C TYR D 83 8.75 15.72 20.33
N ASN D 84 8.82 17.05 20.36
CA ASN D 84 8.96 17.75 21.63
C ASN D 84 7.66 18.02 22.39
N ALA D 85 7.74 17.97 23.71
CA ALA D 85 6.59 18.28 24.56
C ALA D 85 6.23 19.76 24.39
N LYS D 86 4.95 20.10 24.56
CA LYS D 86 4.45 21.43 24.13
C LYS D 86 5.17 22.66 24.67
N ASP D 87 5.69 22.63 25.88
CA ASP D 87 6.37 23.83 26.33
C ASP D 87 7.86 23.61 26.52
N THR D 88 8.43 23.06 25.46
CA THR D 88 9.85 22.82 25.30
C THR D 88 10.35 23.99 24.47
N ILE D 89 11.62 24.37 24.70
CA ILE D 89 12.32 25.39 23.92
C ILE D 89 12.20 25.10 22.40
N PHE D 90 12.28 23.84 22.00
CA PHE D 90 12.17 23.48 20.58
C PHE D 90 10.74 23.69 20.03
N TYR D 91 9.75 23.21 20.79
CA TYR D 91 8.37 23.31 20.39
C TYR D 91 7.99 24.78 20.14
N ARG D 92 8.37 25.65 21.08
CA ARG D 92 8.07 27.07 20.97
C ARG D 92 8.71 27.69 19.74
N ALA D 93 9.94 27.30 19.46
CA ALA D 93 10.65 27.83 18.31
C ALA D 93 10.05 27.35 16.98
N ALA D 94 9.44 26.17 16.97
CA ALA D 94 8.81 25.64 15.77
C ALA D 94 7.51 26.39 15.49
N VAL D 95 6.71 26.61 16.56
CA VAL D 95 5.47 27.40 16.47
C VAL D 95 5.77 28.77 15.86
N ARG D 96 6.80 29.44 16.36
CA ARG D 96 7.12 30.75 15.87
C ARG D 96 7.77 30.66 14.50
N LEU D 97 8.44 29.56 14.20
CA LEU D 97 9.04 29.48 12.87
C LEU D 97 7.92 29.33 11.85
N ARG D 98 6.92 28.48 12.14
CA ARG D 98 5.81 28.34 11.22
C ARG D 98 5.12 29.69 10.97
N GLU D 99 4.82 30.41 12.06
CA GLU D 99 4.06 31.64 11.94
C GLU D 99 4.88 32.67 11.17
N GLN D 100 6.18 32.77 11.46
CA GLN D 100 7.04 33.70 10.72
C GLN D 100 7.37 33.26 9.32
N GLY D 101 7.44 31.95 9.14
CA GLY D 101 7.70 31.35 7.85
C GLY D 101 6.62 31.59 6.81
N GLY D 102 5.37 31.75 7.28
CA GLY D 102 4.23 31.86 6.40
C GLY D 102 4.23 32.98 5.37
N ALA D 103 4.48 34.20 5.81
CA ALA D 103 4.54 35.32 4.88
C ALA D 103 5.65 35.10 3.85
N VAL D 104 6.78 34.55 4.29
CA VAL D 104 7.90 34.25 3.38
C VAL D 104 7.52 33.26 2.26
N LEU D 105 6.88 32.16 2.65
CA LEU D 105 6.49 31.12 1.71
C LEU D 105 5.37 31.61 0.81
N ARG D 106 4.54 32.51 1.34
CA ARG D 106 3.38 32.98 0.58
C ARG D 106 3.84 33.82 -0.59
N GLN D 107 4.76 34.75 -0.33
CA GLN D 107 5.27 35.60 -1.38
C GLN D 107 6.12 34.82 -2.38
N ALA D 108 6.92 33.86 -1.89
CA ALA D 108 7.81 33.07 -2.74
C ALA D 108 7.03 32.12 -3.65
N ARG D 109 5.98 31.51 -3.12
CA ARG D 109 5.08 30.70 -3.94
C ARG D 109 4.49 31.53 -5.11
N ARG D 110 4.12 32.77 -4.81
CA ARG D 110 3.59 33.69 -5.82
C ARG D 110 4.63 33.92 -6.93
N GLN D 111 5.90 34.04 -6.55
CA GLN D 111 6.95 34.28 -7.53
C GLN D 111 7.19 33.04 -8.39
N ALA D 112 7.04 31.86 -7.79
CA ALA D 112 7.21 30.62 -8.54
C ALA D 112 6.08 30.45 -9.56
N GLU D 113 4.86 30.81 -9.15
CA GLU D 113 3.68 30.66 -9.98
C GLU D 113 3.83 31.51 -11.24
N LYS D 114 4.64 32.56 -11.13
CA LYS D 114 4.81 33.46 -12.26
C LYS D 114 5.89 33.05 -13.27
N MET D 115 6.65 31.99 -12.97
CA MET D 115 7.76 31.60 -13.83
C MET D 115 7.34 30.66 -14.94
N GLY D 116 6.64 29.61 -14.54
CA GLY D 116 6.25 28.56 -15.45
C GLY D 116 4.84 28.86 -15.85
#